data_3IJP
#
_entry.id   3IJP
#
_cell.length_a   109.380
_cell.length_b   109.380
_cell.length_c   176.950
_cell.angle_alpha   90.00
_cell.angle_beta   90.00
_cell.angle_gamma   90.00
#
_symmetry.space_group_name_H-M   'P 43 2 2'
#
loop_
_entity.id
_entity.type
_entity.pdbx_description
1 polymer 'Dihydrodipicolinate reductase'
2 non-polymer 'SODIUM ION'
3 non-polymer 'CHLORIDE ION'
4 non-polymer 'NADP NICOTINAMIDE-ADENINE-DINUCLEOTIDE PHOSPHATE'
5 non-polymer 'UNKNOWN ATOM OR ION'
6 water water
#
_entity_poly.entity_id   1
_entity_poly.type   'polypeptide(L)'
_entity_poly.pdbx_seq_one_letter_code
;MAHHHHHHMGTLEAQTQGPGSMRLTVVGANGRMGRELITAIQRRKDVELCAVLVRKGSSFVDKDASILIGSDFLGVRITD
DPESAFSNTEGILDFSQPQASVLYANYAAQKSLIHIIGTTGFSKTEEAQIADFAKYTTIVKSGNMSLGVNLLANLVKRAA
KALDDDFDIEIYEMHHANKVDSPSGTALLLGQAAAEGRNIMLKNVSVNGRSGHTGKREKGTIGFACSRGGTVIGDHSITF
AGENERIVLSHIAQERSIFANGALKAALWAKNHENGLYSMLDVLGLNE
;
_entity_poly.pdbx_strand_id   A,B
#
# COMPACT_ATOMS: atom_id res chain seq x y z
N SER A 21 -2.77 22.96 -22.93
CA SER A 21 -1.93 21.98 -22.16
C SER A 21 -0.72 22.63 -21.51
N MET A 22 -0.58 22.50 -20.19
CA MET A 22 0.59 23.08 -19.47
C MET A 22 1.81 22.16 -19.61
N ARG A 23 2.95 22.76 -19.96
CA ARG A 23 4.22 22.02 -20.14
CA ARG A 23 4.22 22.01 -20.14
C ARG A 23 4.97 21.95 -18.82
N LEU A 24 5.24 20.74 -18.35
CA LEU A 24 5.80 20.58 -16.99
C LEU A 24 7.03 19.71 -16.98
N THR A 25 7.95 20.02 -16.10
CA THR A 25 9.16 19.29 -15.93
C THR A 25 9.08 18.59 -14.57
N VAL A 26 9.45 17.31 -14.54
CA VAL A 26 9.52 16.55 -13.30
C VAL A 26 10.97 16.37 -12.88
N VAL A 27 11.33 16.86 -11.68
CA VAL A 27 12.64 16.65 -11.11
C VAL A 27 12.50 15.53 -10.09
N GLY A 28 13.63 15.07 -9.57
CA GLY A 28 13.70 13.86 -8.75
C GLY A 28 12.99 12.70 -9.37
N ALA A 29 13.21 12.55 -10.68
CA ALA A 29 12.28 11.78 -11.52
C ALA A 29 12.30 10.30 -11.20
N ASN A 30 13.44 9.78 -10.77
CA ASN A 30 13.50 8.37 -10.46
C ASN A 30 12.98 8.04 -9.06
N GLY A 31 12.66 9.04 -8.27
CA GLY A 31 12.17 8.77 -6.91
C GLY A 31 10.75 8.24 -6.93
N ARG A 32 10.23 7.90 -5.77
CA ARG A 32 8.87 7.35 -5.68
C ARG A 32 7.87 8.38 -6.21
N MET A 33 7.95 9.60 -5.71
CA MET A 33 7.01 10.61 -6.16
C MET A 33 7.26 11.06 -7.60
N GLY A 34 8.54 11.16 -7.98
CA GLY A 34 8.88 11.45 -9.37
C GLY A 34 8.22 10.54 -10.39
N ARG A 35 8.35 9.24 -10.18
CA ARG A 35 7.71 8.26 -11.06
C ARG A 35 6.18 8.40 -11.06
N GLU A 36 5.63 8.69 -9.89
CA GLU A 36 4.19 8.82 -9.72
C GLU A 36 3.68 10.07 -10.50
N LEU A 37 4.49 11.15 -10.49
CA LEU A 37 4.12 12.35 -11.23
C LEU A 37 4.13 12.07 -12.72
N ILE A 38 5.11 11.32 -13.20
CA ILE A 38 5.19 11.02 -14.63
C ILE A 38 3.98 10.18 -15.04
N THR A 39 3.64 9.18 -14.23
CA THR A 39 2.46 8.35 -14.47
C THR A 39 1.22 9.24 -14.53
N ALA A 40 1.07 10.19 -13.63
CA ALA A 40 -0.16 11.00 -13.62
C ALA A 40 -0.21 11.98 -14.81
N ILE A 41 0.93 12.52 -15.22
CA ILE A 41 0.93 13.46 -16.34
C ILE A 41 0.53 12.70 -17.59
N GLN A 42 0.98 11.47 -17.72
CA GLN A 42 0.71 10.69 -18.93
C GLN A 42 -0.75 10.28 -19.16
N ARG A 43 -1.52 10.17 -18.09
CA ARG A 43 -2.91 9.76 -18.19
C ARG A 43 -3.85 10.95 -18.40
N ARG A 44 -3.31 12.17 -18.49
CA ARG A 44 -4.13 13.38 -18.56
C ARG A 44 -3.89 14.19 -19.84
N LYS A 45 -4.93 14.89 -20.29
CA LYS A 45 -4.86 15.67 -21.53
C LYS A 45 -4.46 17.10 -21.21
N ASP A 46 -4.72 17.57 -20.00
CA ASP A 46 -4.50 18.98 -19.64
C ASP A 46 -3.06 19.37 -19.21
N VAL A 47 -2.18 18.38 -19.04
CA VAL A 47 -0.78 18.60 -18.71
C VAL A 47 0.14 17.79 -19.62
N GLU A 48 1.30 18.34 -19.95
CA GLU A 48 2.19 17.75 -20.93
C GLU A 48 3.58 17.56 -20.33
N LEU A 49 4.13 16.35 -20.43
CA LEU A 49 5.48 16.10 -19.94
C LEU A 49 6.47 16.65 -20.91
N CYS A 50 7.26 17.64 -20.52
CA CYS A 50 8.23 18.16 -21.48
C CYS A 50 9.70 17.97 -21.13
N ALA A 51 9.99 17.60 -19.87
CA ALA A 51 11.36 17.32 -19.47
C ALA A 51 11.37 16.47 -18.19
N VAL A 52 12.46 15.74 -18.01
CA VAL A 52 12.64 14.84 -16.87
C VAL A 52 14.08 14.95 -16.40
N LEU A 53 14.26 15.37 -15.14
CA LEU A 53 15.58 15.56 -14.51
C LEU A 53 15.86 14.49 -13.46
N VAL A 54 17.08 13.93 -13.55
CA VAL A 54 17.66 13.03 -12.57
C VAL A 54 19.02 13.56 -12.18
N ARG A 55 19.62 12.98 -11.17
CA ARG A 55 20.94 13.39 -10.68
C ARG A 55 22.07 13.13 -11.68
N LYS A 56 23.14 13.89 -11.59
CA LYS A 56 24.27 13.66 -12.49
C LYS A 56 24.80 12.29 -12.28
N GLY A 57 25.15 11.63 -13.38
CA GLY A 57 25.72 10.29 -13.27
C GLY A 57 24.70 9.18 -13.17
N SER A 58 23.39 9.50 -13.16
CA SER A 58 22.36 8.46 -13.16
C SER A 58 22.39 7.64 -14.44
N SER A 59 22.21 6.34 -14.31
CA SER A 59 22.13 5.45 -15.47
C SER A 59 20.92 5.74 -16.35
N PHE A 60 19.94 6.52 -15.86
CA PHE A 60 18.76 6.85 -16.68
C PHE A 60 19.03 7.98 -17.69
N VAL A 61 20.15 8.67 -17.57
CA VAL A 61 20.42 9.83 -18.44
C VAL A 61 20.48 9.35 -19.88
N ASP A 62 19.81 10.06 -20.77
CA ASP A 62 19.71 9.78 -22.20
C ASP A 62 18.63 8.75 -22.58
N LYS A 63 18.08 8.02 -21.60
CA LYS A 63 17.00 7.13 -21.88
C LYS A 63 15.71 7.90 -21.99
N ASP A 64 14.71 7.26 -22.60
CA ASP A 64 13.37 7.87 -22.72
C ASP A 64 12.66 7.75 -21.38
N ALA A 65 11.88 8.77 -21.04
CA ALA A 65 11.17 8.85 -19.74
C ALA A 65 10.30 7.61 -19.50
N SER A 66 9.82 6.96 -20.57
CA SER A 66 9.02 5.76 -20.48
C SER A 66 9.64 4.70 -19.58
N ILE A 67 10.95 4.62 -19.55
CA ILE A 67 11.61 3.61 -18.74
C ILE A 67 11.31 3.76 -17.23
N LEU A 68 10.94 4.97 -16.79
CA LEU A 68 10.73 5.21 -15.37
C LEU A 68 9.38 4.64 -14.89
N ILE A 69 8.44 4.48 -15.82
CA ILE A 69 7.08 4.06 -15.48
C ILE A 69 6.56 2.86 -16.30
N GLY A 70 7.41 2.22 -17.09
CA GLY A 70 7.02 1.03 -17.86
C GLY A 70 5.98 1.30 -18.96
N SER A 71 5.95 2.50 -19.49
CA SER A 71 4.93 2.87 -20.45
C SER A 71 5.43 2.68 -21.87
N ASP A 72 4.60 3.10 -22.81
CA ASP A 72 4.99 3.25 -24.19
C ASP A 72 5.92 4.47 -24.33
N PHE A 73 6.79 4.40 -25.34
CA PHE A 73 7.70 5.50 -25.70
C PHE A 73 7.05 6.88 -25.55
N LEU A 74 7.68 7.78 -24.79
CA LEU A 74 7.07 9.12 -24.59
C LEU A 74 7.71 10.21 -25.45
N GLY A 75 8.87 9.92 -26.05
CA GLY A 75 9.64 10.95 -26.76
C GLY A 75 10.14 12.09 -25.87
N VAL A 76 10.48 11.77 -24.62
CA VAL A 76 11.07 12.74 -23.70
C VAL A 76 12.33 12.09 -23.15
N ARG A 77 13.49 12.66 -23.50
CA ARG A 77 14.80 12.14 -23.16
C ARG A 77 15.21 12.65 -21.78
N ILE A 78 15.58 11.73 -20.90
CA ILE A 78 15.93 12.08 -19.53
C ILE A 78 17.29 12.77 -19.53
N THR A 79 17.41 13.84 -18.75
CA THR A 79 18.62 14.64 -18.69
C THR A 79 19.06 14.75 -17.26
N ASP A 80 20.36 15.03 -17.07
CA ASP A 80 20.90 15.43 -15.76
C ASP A 80 21.28 16.92 -15.71
N ASP A 81 20.83 17.67 -16.68
CA ASP A 81 21.22 19.06 -16.80
C ASP A 81 20.04 19.99 -16.56
N PRO A 82 20.07 20.73 -15.45
CA PRO A 82 18.95 21.63 -15.19
C PRO A 82 18.70 22.65 -16.28
N GLU A 83 19.74 23.20 -16.89
CA GLU A 83 19.57 24.17 -17.97
C GLU A 83 18.72 23.60 -19.08
N SER A 84 18.98 22.35 -19.42
CA SER A 84 18.21 21.68 -20.45
C SER A 84 16.79 21.41 -19.93
N ALA A 85 16.68 20.77 -18.75
CA ALA A 85 15.35 20.43 -18.17
C ALA A 85 14.45 21.64 -18.00
N PHE A 86 15.03 22.81 -17.76
CA PHE A 86 14.24 24.00 -17.48
C PHE A 86 14.16 24.97 -18.66
N SER A 87 14.58 24.58 -19.86
CA SER A 87 14.74 25.56 -20.97
C SER A 87 13.44 25.84 -21.70
N ASN A 88 12.56 24.86 -21.74
CA ASN A 88 11.33 24.99 -22.53
C ASN A 88 10.12 24.46 -21.80
N THR A 89 9.80 25.07 -20.67
CA THR A 89 8.83 24.49 -19.78
C THR A 89 8.04 25.59 -19.14
N GLU A 90 6.88 25.25 -18.58
CA GLU A 90 6.11 26.22 -17.80
C GLU A 90 6.13 26.03 -16.30
N GLY A 91 6.61 24.88 -15.83
CA GLY A 91 6.61 24.63 -14.40
C GLY A 91 7.49 23.47 -14.01
N ILE A 92 7.89 23.50 -12.74
CA ILE A 92 8.70 22.48 -12.13
C ILE A 92 7.90 21.76 -11.04
N LEU A 93 7.76 20.43 -11.18
CA LEU A 93 7.12 19.58 -10.16
C LEU A 93 8.20 18.88 -9.36
N ASP A 94 8.25 19.11 -8.06
CA ASP A 94 9.42 18.84 -7.25
C ASP A 94 9.06 18.21 -5.92
N PHE A 95 9.17 16.89 -5.89
CA PHE A 95 9.25 16.08 -4.68
C PHE A 95 10.60 15.42 -4.68
N SER A 96 11.57 15.99 -3.96
CA SER A 96 12.93 15.51 -4.06
C SER A 96 13.65 15.50 -2.75
N GLN A 97 14.43 16.53 -2.45
CA GLN A 97 15.26 16.56 -1.22
C GLN A 97 15.53 18.03 -0.94
N PRO A 98 15.56 18.43 0.33
CA PRO A 98 15.53 19.86 0.61
C PRO A 98 16.61 20.74 -0.01
N GLN A 99 17.84 20.26 -0.09
CA GLN A 99 18.91 21.08 -0.69
C GLN A 99 18.69 21.23 -2.15
N ALA A 100 18.27 20.14 -2.78
CA ALA A 100 17.95 20.13 -4.19
C ALA A 100 16.82 21.09 -4.52
N SER A 101 15.78 21.09 -3.67
CA SER A 101 14.60 21.97 -3.92
C SER A 101 14.90 23.45 -3.78
N VAL A 102 15.76 23.82 -2.84
CA VAL A 102 16.17 25.24 -2.74
C VAL A 102 16.92 25.61 -4.04
N LEU A 103 17.80 24.71 -4.51
CA LEU A 103 18.53 24.92 -5.77
C LEU A 103 17.54 25.12 -6.90
N TYR A 104 16.50 24.29 -6.97
CA TYR A 104 15.56 24.40 -8.08
C TYR A 104 14.66 25.62 -7.96
N ALA A 105 14.43 26.09 -6.73
CA ALA A 105 13.64 27.30 -6.54
C ALA A 105 14.44 28.49 -7.07
N ASN A 106 15.76 28.48 -6.87
CA ASN A 106 16.60 29.49 -7.48
C ASN A 106 16.49 29.48 -9.00
N TYR A 107 16.55 28.31 -9.64
CA TYR A 107 16.36 28.24 -11.09
C TYR A 107 14.98 28.78 -11.45
N ALA A 108 13.98 28.36 -10.67
CA ALA A 108 12.62 28.85 -10.87
C ALA A 108 12.61 30.42 -10.80
N ALA A 109 13.25 31.01 -9.82
CA ALA A 109 13.38 32.48 -9.76
C ALA A 109 14.11 33.03 -11.00
N GLN A 110 15.27 32.47 -11.34
CA GLN A 110 16.06 33.00 -12.46
C GLN A 110 15.30 32.94 -13.78
N LYS A 111 14.56 31.86 -14.00
CA LYS A 111 13.92 31.64 -15.28
C LYS A 111 12.43 31.93 -15.29
N SER A 112 11.91 32.52 -14.22
CA SER A 112 10.46 32.79 -14.09
C SER A 112 9.57 31.57 -14.38
N LEU A 113 9.88 30.46 -13.72
CA LEU A 113 9.09 29.23 -13.88
C LEU A 113 8.25 29.04 -12.61
N ILE A 114 7.03 28.47 -12.72
CA ILE A 114 6.36 28.08 -11.48
C ILE A 114 7.03 26.85 -10.87
N HIS A 115 7.01 26.77 -9.54
CA HIS A 115 7.66 25.70 -8.83
C HIS A 115 6.66 25.15 -7.82
N ILE A 116 6.26 23.89 -8.02
CA ILE A 116 5.47 23.13 -7.08
C ILE A 116 6.37 22.27 -6.20
N ILE A 117 6.50 22.64 -4.93
CA ILE A 117 7.42 22.01 -4.00
C ILE A 117 6.63 21.15 -3.02
N GLY A 118 6.78 19.84 -3.17
CA GLY A 118 6.22 18.86 -2.28
C GLY A 118 7.23 18.39 -1.25
N THR A 119 8.51 18.62 -1.55
CA THR A 119 9.61 18.23 -0.67
C THR A 119 9.36 18.72 0.74
N THR A 120 9.80 17.93 1.72
CA THR A 120 9.71 18.31 3.14
C THR A 120 11.05 18.13 3.84
N GLY A 121 11.17 18.71 5.03
CA GLY A 121 12.38 18.57 5.84
C GLY A 121 13.32 19.74 5.74
N PHE A 122 12.81 20.89 5.30
CA PHE A 122 13.58 22.12 5.17
C PHE A 122 14.01 22.70 6.52
N SER A 123 15.20 23.27 6.61
CA SER A 123 15.64 24.08 7.76
C SER A 123 15.03 25.48 7.64
N LYS A 124 15.25 26.29 8.66
CA LYS A 124 14.69 27.65 8.70
C LYS A 124 15.33 28.55 7.64
N THR A 125 16.65 28.48 7.49
CA THR A 125 17.37 29.17 6.41
C THR A 125 16.83 28.75 5.02
N GLU A 126 16.57 27.46 4.82
CA GLU A 126 16.09 27.00 3.50
C GLU A 126 14.75 27.63 3.23
N GLU A 127 13.90 27.61 4.26
CA GLU A 127 12.59 28.23 4.14
C GLU A 127 12.68 29.74 3.88
N ALA A 128 13.67 30.39 4.50
CA ALA A 128 13.90 31.84 4.26
C ALA A 128 14.31 32.10 2.80
N GLN A 129 15.12 31.22 2.22
CA GLN A 129 15.53 31.34 0.83
C GLN A 129 14.37 31.12 -0.14
N ILE A 130 13.53 30.13 0.14
CA ILE A 130 12.36 29.87 -0.68
C ILE A 130 11.45 31.09 -0.66
N ALA A 131 11.31 31.73 0.49
CA ALA A 131 10.53 32.98 0.55
C ALA A 131 11.17 34.08 -0.35
N ASP A 132 12.49 34.26 -0.29
CA ASP A 132 13.16 35.15 -1.26
C ASP A 132 12.75 34.80 -2.70
N PHE A 133 12.87 33.53 -3.08
CA PHE A 133 12.59 33.19 -4.48
C PHE A 133 11.15 33.47 -4.87
N ALA A 134 10.23 33.43 -3.90
CA ALA A 134 8.82 33.70 -4.18
C ALA A 134 8.54 35.16 -4.56
N LYS A 135 9.51 36.06 -4.31
CA LYS A 135 9.44 37.44 -4.82
C LYS A 135 9.51 37.51 -6.33
N TYR A 136 10.10 36.51 -6.99
CA TYR A 136 10.34 36.61 -8.46
C TYR A 136 9.49 35.65 -9.27
N THR A 137 8.80 34.70 -8.62
CA THR A 137 7.99 33.74 -9.35
C THR A 137 6.89 33.21 -8.46
N THR A 138 6.08 32.29 -8.99
CA THR A 138 4.98 31.68 -8.25
C THR A 138 5.38 30.29 -7.75
N ILE A 139 5.34 30.13 -6.41
CA ILE A 139 5.72 28.87 -5.76
C ILE A 139 4.60 28.37 -4.87
N VAL A 140 4.13 27.15 -5.11
CA VAL A 140 3.17 26.51 -4.20
C VAL A 140 3.97 25.48 -3.42
N LYS A 141 4.11 25.72 -2.13
CA LYS A 141 4.86 24.83 -1.27
C LYS A 141 3.93 24.20 -0.21
N SER A 142 3.92 22.88 -0.09
CA SER A 142 3.05 22.22 0.87
C SER A 142 3.59 20.88 1.23
N GLY A 143 3.55 20.57 2.52
CA GLY A 143 3.92 19.26 3.01
C GLY A 143 2.89 18.15 2.78
N ASN A 144 1.72 18.47 2.25
CA ASN A 144 0.79 17.43 1.83
C ASN A 144 -0.15 17.92 0.75
N MET A 145 -0.13 17.27 -0.41
CA MET A 145 -0.92 17.74 -1.55
CA MET A 145 -0.93 17.73 -1.56
C MET A 145 -2.35 17.17 -1.61
N SER A 146 -2.71 16.33 -0.64
CA SER A 146 -4.01 15.67 -0.69
C SER A 146 -5.15 16.57 -0.20
N LEU A 147 -6.32 16.44 -0.81
CA LEU A 147 -7.52 17.10 -0.29
C LEU A 147 -7.81 16.72 1.17
N GLY A 148 -7.69 15.45 1.53
CA GLY A 148 -8.09 15.01 2.86
C GLY A 148 -7.31 15.62 4.02
N VAL A 149 -6.01 15.74 3.85
CA VAL A 149 -5.17 16.35 4.87
C VAL A 149 -5.46 17.83 4.99
N ASN A 150 -5.68 18.51 3.88
CA ASN A 150 -5.95 19.95 4.01
C ASN A 150 -7.31 20.18 4.72
N LEU A 151 -8.31 19.35 4.44
CA LEU A 151 -9.55 19.41 5.27
C LEU A 151 -9.30 19.01 6.74
N LEU A 152 -8.49 17.98 6.96
CA LEU A 152 -8.22 17.54 8.32
C LEU A 152 -7.57 18.65 9.12
N ALA A 153 -6.66 19.40 8.50
CA ALA A 153 -5.95 20.48 9.22
C ALA A 153 -6.95 21.54 9.71
N ASN A 154 -7.90 21.86 8.88
CA ASN A 154 -8.96 22.75 9.25
C ASN A 154 -9.76 22.23 10.44
N LEU A 155 -10.07 20.93 10.44
CA LEU A 155 -10.88 20.33 11.49
C LEU A 155 -10.12 20.30 12.78
N VAL A 156 -8.82 20.08 12.69
CA VAL A 156 -7.95 20.09 13.86
C VAL A 156 -7.88 21.49 14.47
N LYS A 157 -7.78 22.52 13.64
CA LYS A 157 -7.79 23.90 14.17
C LYS A 157 -9.11 24.19 14.92
N ARG A 158 -10.23 23.90 14.31
CA ARG A 158 -11.50 24.07 15.01
C ARG A 158 -11.57 23.24 16.28
N ALA A 159 -11.06 22.02 16.22
CA ALA A 159 -11.12 21.20 17.41
C ALA A 159 -10.28 21.84 18.49
N ALA A 160 -9.08 22.33 18.15
CA ALA A 160 -8.13 22.82 19.16
C ALA A 160 -8.62 24.12 19.79
N LYS A 161 -9.48 24.84 19.08
CA LYS A 161 -10.10 26.04 19.58
C LYS A 161 -11.32 25.70 20.46
N ALA A 162 -12.08 24.67 20.11
CA ALA A 162 -13.29 24.34 20.90
C ALA A 162 -12.90 23.65 22.20
N LEU A 163 -11.78 22.93 22.20
CA LEU A 163 -11.36 22.16 23.36
C LEU A 163 -10.19 22.90 23.98
N ASP A 164 -10.32 23.29 25.24
CA ASP A 164 -9.21 23.96 25.96
C ASP A 164 -8.10 22.99 26.33
N ASP A 165 -7.03 23.50 26.94
CA ASP A 165 -5.85 22.67 27.13
C ASP A 165 -5.98 21.70 28.33
N ASP A 166 -7.18 21.50 28.83
CA ASP A 166 -7.49 20.28 29.61
C ASP A 166 -7.53 19.07 28.67
N PHE A 167 -7.68 19.31 27.38
CA PHE A 167 -7.52 18.29 26.37
C PHE A 167 -6.09 18.32 25.82
N ASP A 168 -5.34 17.25 26.12
CA ASP A 168 -3.93 17.17 25.71
C ASP A 168 -3.83 16.73 24.24
N ILE A 169 -3.09 17.48 23.42
CA ILE A 169 -3.02 17.19 21.99
C ILE A 169 -1.78 16.36 21.69
N GLU A 170 -1.96 15.22 21.03
CA GLU A 170 -0.90 14.24 20.83
C GLU A 170 -1.02 13.75 19.38
N ILE A 171 0.03 13.91 18.57
CA ILE A 171 0.01 13.62 17.12
C ILE A 171 0.85 12.40 16.83
N TYR A 172 0.28 11.44 16.11
CA TYR A 172 0.96 10.19 15.78
C TYR A 172 1.00 10.04 14.27
N GLU A 173 2.10 9.50 13.75
CA GLU A 173 2.14 9.11 12.35
C GLU A 173 2.98 7.87 12.09
N MET A 174 2.64 7.18 11.00
CA MET A 174 3.41 6.05 10.55
C MET A 174 3.67 6.16 9.05
N HIS A 175 4.92 5.94 8.65
CA HIS A 175 5.31 5.86 7.24
C HIS A 175 6.27 4.72 7.03
N HIS A 176 6.42 4.39 5.73
CA HIS A 176 7.36 3.37 5.25
C HIS A 176 8.75 3.51 5.82
N ALA A 177 9.46 2.39 5.87
CA ALA A 177 10.82 2.29 6.46
C ALA A 177 11.83 3.27 5.91
N ASN A 178 11.74 3.66 4.66
CA ASN A 178 12.80 4.48 4.09
C ASN A 178 12.53 5.98 4.16
N LYS A 179 11.47 6.40 4.83
CA LYS A 179 11.23 7.84 4.91
C LYS A 179 12.35 8.52 5.73
N VAL A 180 12.86 9.61 5.19
CA VAL A 180 14.03 10.28 5.73
C VAL A 180 13.67 11.22 6.90
N ASP A 181 12.60 11.97 6.76
CA ASP A 181 12.27 13.00 7.72
C ASP A 181 11.20 12.57 8.73
N SER A 182 11.42 13.00 9.96
CA SER A 182 10.48 12.83 11.04
C SER A 182 10.53 14.00 12.05
N PRO A 183 9.36 14.41 12.60
CA PRO A 183 8.02 14.02 12.17
C PRO A 183 7.82 14.36 10.71
N SER A 184 6.82 13.77 10.08
CA SER A 184 6.46 14.12 8.71
C SER A 184 6.05 15.58 8.59
N GLY A 185 6.14 16.09 7.36
CA GLY A 185 5.65 17.39 7.03
C GLY A 185 4.16 17.50 7.30
N THR A 186 3.43 16.42 7.07
CA THR A 186 2.00 16.41 7.37
C THR A 186 1.81 16.57 8.90
N ALA A 187 2.60 15.86 9.70
CA ALA A 187 2.49 15.97 11.15
C ALA A 187 2.71 17.42 11.60
N LEU A 188 3.75 18.04 11.05
CA LEU A 188 4.07 19.43 11.35
C LEU A 188 2.97 20.37 10.93
N LEU A 189 2.46 20.17 9.75
CA LEU A 189 1.32 20.98 9.24
C LEU A 189 0.11 20.82 10.19
N LEU A 190 -0.12 19.60 10.72
CA LEU A 190 -1.27 19.38 11.55
C LEU A 190 -1.02 20.01 12.91
N GLY A 191 0.24 19.97 13.35
CA GLY A 191 0.63 20.57 14.62
C GLY A 191 0.49 22.09 14.61
N GLN A 192 0.76 22.68 13.45
CA GLN A 192 0.64 24.12 13.26
C GLN A 192 -0.83 24.55 13.26
N ALA A 193 -1.71 23.74 12.68
CA ALA A 193 -3.15 24.00 12.75
C ALA A 193 -3.67 23.92 14.20
N ALA A 194 -3.21 22.94 14.97
CA ALA A 194 -3.57 22.79 16.38
C ALA A 194 -3.06 24.01 17.16
N ALA A 195 -1.80 24.42 16.94
CA ALA A 195 -1.21 25.57 17.63
C ALA A 195 -2.01 26.87 17.35
N GLU A 196 -2.40 27.07 16.12
CA GLU A 196 -3.27 28.20 15.79
C GLU A 196 -4.60 28.18 16.51
N GLY A 197 -5.19 27.00 16.63
CA GLY A 197 -6.48 26.91 17.30
C GLY A 197 -6.31 27.26 18.77
N ARG A 198 -5.15 26.92 19.33
CA ARG A 198 -4.85 27.20 20.72
C ARG A 198 -4.24 28.61 20.93
N ASN A 199 -4.14 29.39 19.86
CA ASN A 199 -3.41 30.67 19.90
C ASN A 199 -2.05 30.61 20.58
N ILE A 200 -1.30 29.57 20.28
CA ILE A 200 0.06 29.46 20.77
C ILE A 200 0.98 29.25 19.56
N MET A 201 2.29 29.23 19.82
CA MET A 201 3.31 29.00 18.80
C MET A 201 3.86 27.57 18.90
N LEU A 202 3.79 26.82 17.81
CA LEU A 202 4.22 25.42 17.82
C LEU A 202 5.61 25.22 18.41
N LYS A 203 6.55 26.08 17.99
CA LYS A 203 7.94 25.91 18.44
C LYS A 203 8.10 26.04 19.95
N ASN A 204 7.17 26.72 20.60
CA ASN A 204 7.25 26.85 22.05
C ASN A 204 6.70 25.63 22.84
N VAL A 205 5.80 24.87 22.20
CA VAL A 205 5.03 23.83 22.89
C VAL A 205 5.24 22.37 22.36
N SER A 206 5.96 22.20 21.26
CA SER A 206 6.16 20.88 20.67
C SER A 206 7.12 20.02 21.49
N VAL A 207 6.81 18.73 21.60
CA VAL A 207 7.71 17.78 22.20
C VAL A 207 7.81 16.57 21.27
N ASN A 208 8.99 16.37 20.68
CA ASN A 208 9.30 15.19 19.87
C ASN A 208 9.72 14.02 20.72
N GLY A 209 9.13 12.87 20.49
CA GLY A 209 9.59 11.62 21.09
C GLY A 209 9.56 11.59 22.60
N ARG A 210 8.37 11.50 23.17
CA ARG A 210 8.21 11.39 24.63
C ARG A 210 8.83 10.10 25.16
N SER A 211 9.01 9.14 24.26
CA SER A 211 9.68 7.90 24.59
C SER A 211 11.02 8.10 25.34
N GLY A 212 11.76 9.15 24.93
CA GLY A 212 13.05 9.56 25.56
C GLY A 212 12.89 10.73 26.53
N HIS A 213 11.96 10.59 27.49
CA HIS A 213 11.69 11.62 28.49
C HIS A 213 11.31 10.95 29.83
N THR A 214 11.51 11.69 30.92
CA THR A 214 10.95 11.35 32.24
C THR A 214 10.28 12.63 32.75
N GLY A 215 9.16 12.50 33.44
CA GLY A 215 8.43 13.68 33.90
C GLY A 215 6.91 13.61 33.73
N LYS A 216 6.24 14.55 34.37
CA LYS A 216 4.84 14.80 34.15
C LYS A 216 4.78 15.46 32.76
N ARG A 217 3.69 15.23 32.04
CA ARG A 217 3.48 15.92 30.79
C ARG A 217 3.28 17.37 31.14
N GLU A 218 3.85 18.27 30.34
CA GLU A 218 3.65 19.70 30.52
C GLU A 218 2.37 20.17 29.77
N LYS A 219 1.56 20.92 30.49
CA LYS A 219 0.24 21.32 30.05
C LYS A 219 0.41 22.19 28.88
N GLY A 220 -0.44 22.03 27.86
CA GLY A 220 -0.42 22.87 26.68
C GLY A 220 0.55 22.40 25.60
N THR A 221 1.48 21.52 25.93
CA THR A 221 2.34 20.97 24.91
C THR A 221 1.58 20.05 23.94
N ILE A 222 2.18 19.93 22.74
CA ILE A 222 1.70 19.10 21.66
C ILE A 222 2.81 18.10 21.42
N GLY A 223 2.48 16.83 21.56
CA GLY A 223 3.46 15.74 21.46
C GLY A 223 3.44 15.14 20.07
N PHE A 224 4.59 14.60 19.64
CA PHE A 224 4.72 13.95 18.34
C PHE A 224 5.32 12.59 18.56
N ALA A 225 4.65 11.55 18.08
CA ALA A 225 5.18 10.19 18.05
C ALA A 225 5.17 9.72 16.57
N CYS A 226 6.14 8.91 16.16
CA CYS A 226 6.36 8.53 14.74
C CYS A 226 6.82 7.07 14.74
N SER A 227 6.16 6.22 13.96
CA SER A 227 6.64 4.88 13.60
C SER A 227 7.12 4.84 12.17
N ARG A 228 8.06 3.96 11.92
CA ARG A 228 8.62 3.80 10.58
C ARG A 228 8.65 2.32 10.35
N GLY A 229 8.10 1.89 9.21
CA GLY A 229 8.07 0.45 8.89
C GLY A 229 7.43 0.05 7.58
N GLY A 230 7.87 -1.05 7.02
CA GLY A 230 7.31 -1.57 5.80
C GLY A 230 7.14 -0.53 4.73
N THR A 231 5.95 -0.54 4.15
CA THR A 231 5.65 0.22 2.95
C THR A 231 4.51 1.25 3.11
N VAL A 232 4.16 1.57 4.35
CA VAL A 232 2.97 2.40 4.68
C VAL A 232 3.10 3.76 3.99
N ILE A 233 2.10 4.16 3.21
CA ILE A 233 2.12 5.42 2.45
C ILE A 233 2.03 6.63 3.36
N GLY A 234 1.12 6.58 4.33
CA GLY A 234 1.11 7.57 5.42
C GLY A 234 -0.18 7.56 6.23
N ASP A 235 -0.08 7.23 7.52
CA ASP A 235 -1.18 7.41 8.48
C ASP A 235 -0.88 8.55 9.42
N HIS A 236 -1.88 9.39 9.70
CA HIS A 236 -1.75 10.43 10.69
C HIS A 236 -2.98 10.47 11.59
N SER A 237 -2.74 10.60 12.89
CA SER A 237 -3.82 10.71 13.87
C SER A 237 -3.52 11.81 14.87
N ILE A 238 -4.48 12.69 15.12
CA ILE A 238 -4.37 13.68 16.17
C ILE A 238 -5.33 13.28 17.27
N THR A 239 -4.83 12.99 18.44
CA THR A 239 -5.65 12.72 19.61
C THR A 239 -5.80 13.95 20.52
N PHE A 240 -7.04 14.24 20.89
CA PHE A 240 -7.37 15.21 21.96
C PHE A 240 -7.87 14.45 23.18
N ALA A 241 -7.01 14.34 24.17
CA ALA A 241 -7.20 13.44 25.26
C ALA A 241 -7.53 14.30 26.49
N GLY A 242 -8.79 14.23 26.91
CA GLY A 242 -9.27 14.96 28.05
C GLY A 242 -9.61 14.01 29.20
N GLU A 243 -10.37 14.54 30.12
CA GLU A 243 -10.81 13.82 31.26
C GLU A 243 -11.86 12.79 30.87
N ASN A 244 -11.45 11.53 30.87
CA ASN A 244 -12.32 10.40 30.53
C ASN A 244 -12.93 10.37 29.14
N GLU A 245 -12.29 11.05 28.20
CA GLU A 245 -12.66 10.94 26.79
C GLU A 245 -11.59 11.42 25.87
N ARG A 246 -11.57 10.86 24.67
CA ARG A 246 -10.72 11.27 23.58
C ARG A 246 -11.52 11.51 22.30
N ILE A 247 -11.12 12.53 21.56
CA ILE A 247 -11.53 12.78 20.18
C ILE A 247 -10.30 12.45 19.39
N VAL A 248 -10.41 11.66 18.34
CA VAL A 248 -9.27 11.35 17.46
C VAL A 248 -9.63 11.67 16.02
N LEU A 249 -8.83 12.51 15.36
CA LEU A 249 -9.04 12.86 13.97
C LEU A 249 -7.89 12.30 13.14
N SER A 250 -8.19 11.58 12.06
CA SER A 250 -7.18 10.80 11.33
C SER A 250 -7.29 10.88 9.82
N HIS A 251 -6.17 10.59 9.16
CA HIS A 251 -6.08 10.51 7.70
C HIS A 251 -5.24 9.31 7.31
N ILE A 252 -5.75 8.52 6.38
CA ILE A 252 -5.07 7.38 5.83
C ILE A 252 -4.92 7.57 4.32
N ALA A 253 -3.68 7.69 3.87
CA ALA A 253 -3.35 7.73 2.44
C ALA A 253 -3.19 6.32 1.93
N GLN A 254 -3.92 6.00 0.87
CA GLN A 254 -3.88 4.68 0.31
C GLN A 254 -2.79 4.53 -0.76
N GLU A 255 -2.69 5.56 -1.57
CA GLU A 255 -1.56 5.64 -2.47
C GLU A 255 -1.07 6.99 -2.92
N ARG A 256 0.13 7.00 -3.49
CA ARG A 256 0.85 8.25 -3.80
C ARG A 256 0.20 9.04 -4.92
N SER A 257 -0.67 8.39 -5.69
CA SER A 257 -1.33 9.12 -6.77
C SER A 257 -2.09 10.31 -6.22
N ILE A 258 -2.56 10.28 -4.96
CA ILE A 258 -3.34 11.44 -4.49
C ILE A 258 -2.46 12.66 -4.39
N PHE A 259 -1.20 12.47 -4.06
CA PHE A 259 -0.29 13.60 -3.95
C PHE A 259 0.15 14.05 -5.38
N ALA A 260 0.33 13.10 -6.28
CA ALA A 260 0.71 13.45 -7.68
C ALA A 260 -0.38 14.33 -8.28
N ASN A 261 -1.64 13.94 -8.06
CA ASN A 261 -2.73 14.71 -8.65
C ASN A 261 -2.94 16.03 -7.96
N GLY A 262 -2.75 16.11 -6.65
CA GLY A 262 -2.75 17.42 -5.96
C GLY A 262 -1.67 18.36 -6.57
N ALA A 263 -0.49 17.81 -6.87
CA ALA A 263 0.59 18.65 -7.44
C ALA A 263 0.18 19.17 -8.81
N LEU A 264 -0.45 18.34 -9.62
CA LEU A 264 -0.89 18.78 -10.96
C LEU A 264 -1.95 19.88 -10.85
N LYS A 265 -2.89 19.69 -9.94
CA LYS A 265 -3.87 20.72 -9.61
C LYS A 265 -3.20 22.02 -9.19
N ALA A 266 -2.14 21.95 -8.36
CA ALA A 266 -1.40 23.14 -7.96
C ALA A 266 -0.68 23.81 -9.16
N ALA A 267 -0.13 23.02 -10.07
CA ALA A 267 0.55 23.56 -11.24
C ALA A 267 -0.44 24.36 -12.06
N LEU A 268 -1.61 23.77 -12.32
CA LEU A 268 -2.61 24.41 -13.16
C LEU A 268 -3.10 25.71 -12.55
N TRP A 269 -3.21 25.74 -11.23
CA TRP A 269 -3.66 26.91 -10.49
C TRP A 269 -2.59 28.02 -10.52
N ALA A 270 -1.33 27.62 -10.37
CA ALA A 270 -0.21 28.55 -10.37
C ALA A 270 0.02 29.19 -11.75
N LYS A 271 -0.41 28.53 -12.83
CA LYS A 271 0.01 28.92 -14.19
C LYS A 271 0.00 30.42 -14.49
N ASN A 272 -1.15 31.09 -14.32
CA ASN A 272 -1.18 32.52 -14.61
C ASN A 272 -1.38 33.36 -13.36
N HIS A 273 -0.95 32.85 -12.22
CA HIS A 273 -1.16 33.53 -10.94
C HIS A 273 -0.02 34.48 -10.74
N GLU A 274 -0.20 35.46 -9.85
CA GLU A 274 0.87 36.40 -9.58
C GLU A 274 1.96 35.74 -8.74
N ASN A 275 3.14 36.39 -8.69
CA ASN A 275 4.25 35.93 -7.85
C ASN A 275 3.82 35.72 -6.40
N GLY A 276 4.55 34.86 -5.67
CA GLY A 276 4.32 34.65 -4.26
C GLY A 276 4.50 33.20 -3.77
N LEU A 277 4.43 33.05 -2.45
CA LEU A 277 4.53 31.76 -1.78
C LEU A 277 3.14 31.32 -1.30
N TYR A 278 2.65 30.20 -1.82
CA TYR A 278 1.28 29.74 -1.61
C TYR A 278 1.23 28.29 -1.09
N SER A 279 0.05 27.88 -0.61
CA SER A 279 -0.12 26.55 0.01
C SER A 279 -1.21 25.83 -0.71
N MET A 280 -1.44 24.57 -0.36
CA MET A 280 -2.55 23.87 -0.98
C MET A 280 -3.89 24.45 -0.56
N LEU A 281 -3.98 25.09 0.61
CA LEU A 281 -5.19 25.84 0.99
C LEU A 281 -5.56 26.85 -0.09
N ASP A 282 -4.58 27.63 -0.54
CA ASP A 282 -4.82 28.59 -1.60
C ASP A 282 -5.28 27.88 -2.87
N VAL A 283 -4.64 26.76 -3.20
CA VAL A 283 -5.00 26.04 -4.43
C VAL A 283 -6.43 25.50 -4.39
N LEU A 284 -6.80 24.99 -3.20
CA LEU A 284 -8.06 24.31 -3.00
C LEU A 284 -9.31 25.19 -2.61
N GLY A 285 -9.11 26.37 -2.03
CA GLY A 285 -10.23 27.09 -1.34
C GLY A 285 -9.72 28.13 -0.32
N LEU A 286 -9.46 27.74 0.94
CA LEU A 286 -10.04 26.59 1.64
C LEU A 286 -9.80 26.92 3.13
N SER B 21 18.40 -19.79 -7.89
CA SER B 21 17.18 -19.37 -8.68
C SER B 21 16.27 -20.54 -8.96
N MET B 22 14.97 -20.39 -8.68
CA MET B 22 14.04 -21.50 -8.84
C MET B 22 13.16 -21.24 -10.06
N ARG B 23 13.04 -22.27 -10.92
CA ARG B 23 12.29 -22.12 -12.14
CA ARG B 23 12.30 -22.18 -12.17
C ARG B 23 10.82 -22.44 -11.88
N LEU B 24 9.96 -21.50 -12.26
CA LEU B 24 8.53 -21.66 -11.99
C LEU B 24 7.64 -21.52 -13.20
N THR B 25 6.54 -22.27 -13.20
CA THR B 25 5.52 -22.16 -14.19
C THR B 25 4.29 -21.54 -13.54
N VAL B 26 3.71 -20.53 -14.19
CA VAL B 26 2.46 -19.92 -13.75
C VAL B 26 1.35 -20.46 -14.64
N VAL B 27 0.33 -21.05 -14.05
CA VAL B 27 -0.77 -21.61 -14.81
C VAL B 27 -1.97 -20.66 -14.62
N GLY B 28 -3.05 -20.91 -15.33
CA GLY B 28 -4.21 -20.03 -15.24
C GLY B 28 -3.82 -18.58 -15.52
N ALA B 29 -2.91 -18.36 -16.47
CA ALA B 29 -2.14 -17.11 -16.46
C ALA B 29 -2.97 -15.88 -16.85
N ASN B 30 -4.01 -16.08 -17.67
CA ASN B 30 -4.95 -15.00 -17.98
C ASN B 30 -6.04 -14.90 -16.94
N GLY B 31 -6.00 -15.72 -15.91
CA GLY B 31 -6.99 -15.69 -14.82
C GLY B 31 -6.52 -14.88 -13.60
N ARG B 32 -7.09 -15.18 -12.43
CA ARG B 32 -7.09 -14.20 -11.31
C ARG B 32 -5.75 -13.61 -10.70
N MET B 33 -4.75 -14.47 -10.53
CA MET B 33 -3.52 -14.15 -9.83
C MET B 33 -2.34 -14.23 -10.80
N GLY B 34 -2.64 -14.53 -12.07
CA GLY B 34 -1.65 -14.82 -13.08
C GLY B 34 -0.78 -13.65 -13.36
N ARG B 35 -1.39 -12.51 -13.62
CA ARG B 35 -0.60 -11.30 -13.83
C ARG B 35 0.20 -10.93 -12.60
N GLU B 36 -0.38 -11.03 -11.41
CA GLU B 36 0.37 -10.68 -10.19
C GLU B 36 1.56 -11.60 -9.99
N LEU B 37 1.40 -12.89 -10.27
CA LEU B 37 2.49 -13.85 -10.16
C LEU B 37 3.60 -13.51 -11.14
N ILE B 38 3.24 -13.20 -12.38
CA ILE B 38 4.24 -12.96 -13.39
C ILE B 38 4.96 -11.67 -13.01
N THR B 39 4.22 -10.64 -12.57
CA THR B 39 4.85 -9.37 -12.19
C THR B 39 5.82 -9.62 -11.03
N ALA B 40 5.38 -10.34 -10.01
CA ALA B 40 6.23 -10.60 -8.83
C ALA B 40 7.50 -11.40 -9.17
N ILE B 41 7.38 -12.39 -10.05
CA ILE B 41 8.54 -13.17 -10.45
C ILE B 41 9.51 -12.32 -11.28
N GLN B 42 8.99 -11.44 -12.13
CA GLN B 42 9.86 -10.60 -12.94
C GLN B 42 10.71 -9.64 -12.14
N ARG B 43 10.22 -9.20 -11.01
CA ARG B 43 11.02 -8.26 -10.24
C ARG B 43 11.97 -8.93 -9.24
N ARG B 44 12.02 -10.26 -9.16
CA ARG B 44 12.96 -10.89 -8.22
C ARG B 44 14.06 -11.68 -8.92
N LYS B 45 15.21 -11.77 -8.25
CA LYS B 45 16.34 -12.51 -8.75
C LYS B 45 16.31 -13.96 -8.32
N ASP B 46 15.59 -14.31 -7.26
CA ASP B 46 15.60 -15.66 -6.72
C ASP B 46 14.57 -16.63 -7.33
N VAL B 47 13.71 -16.12 -8.22
CA VAL B 47 12.77 -16.95 -8.94
C VAL B 47 12.81 -16.54 -10.40
N GLU B 48 12.65 -17.54 -11.26
CA GLU B 48 12.74 -17.35 -12.70
C GLU B 48 11.47 -17.88 -13.39
N LEU B 49 10.87 -17.03 -14.25
CA LEU B 49 9.69 -17.46 -15.00
C LEU B 49 10.19 -18.35 -16.12
N CYS B 50 9.83 -19.62 -16.12
CA CYS B 50 10.23 -20.43 -17.24
C CYS B 50 9.09 -20.90 -18.16
N ALA B 51 7.84 -20.81 -17.73
CA ALA B 51 6.70 -21.19 -18.57
C ALA B 51 5.43 -20.50 -18.09
N VAL B 52 4.51 -20.30 -19.03
CA VAL B 52 3.22 -19.71 -18.73
C VAL B 52 2.17 -20.44 -19.47
N LEU B 53 1.19 -20.98 -18.76
CA LEU B 53 0.14 -21.80 -19.32
C LEU B 53 -1.20 -21.08 -19.21
N VAL B 54 -2.01 -21.12 -20.29
CA VAL B 54 -3.37 -20.58 -20.35
C VAL B 54 -4.36 -21.63 -20.83
N ARG B 55 -5.65 -21.34 -20.72
CA ARG B 55 -6.74 -22.26 -21.14
C ARG B 55 -6.65 -22.52 -22.65
N LYS B 56 -7.08 -23.70 -23.08
CA LYS B 56 -7.07 -24.14 -24.48
C LYS B 56 -7.75 -23.12 -25.39
N GLY B 57 -7.09 -22.80 -26.51
CA GLY B 57 -7.61 -21.84 -27.50
C GLY B 57 -7.59 -20.36 -27.09
N SER B 58 -6.94 -20.00 -25.98
CA SER B 58 -6.85 -18.61 -25.56
C SER B 58 -6.19 -17.74 -26.66
N SER B 59 -6.66 -16.51 -26.78
CA SER B 59 -5.98 -15.51 -27.66
C SER B 59 -4.48 -15.38 -27.32
N PHE B 60 -4.11 -15.66 -26.07
CA PHE B 60 -2.74 -15.44 -25.60
C PHE B 60 -1.74 -16.52 -26.00
N VAL B 61 -2.21 -17.66 -26.51
CA VAL B 61 -1.32 -18.71 -26.92
C VAL B 61 -0.38 -18.20 -28.02
N ASP B 62 0.89 -18.55 -27.93
CA ASP B 62 1.94 -18.11 -28.86
C ASP B 62 2.42 -16.66 -28.70
N LYS B 63 1.77 -15.87 -27.88
CA LYS B 63 2.26 -14.53 -27.56
C LYS B 63 3.39 -14.62 -26.49
N ASP B 64 4.26 -13.61 -26.43
CA ASP B 64 5.24 -13.58 -25.34
C ASP B 64 4.56 -13.21 -24.02
N ALA B 65 5.06 -13.76 -22.92
CA ALA B 65 4.44 -13.54 -21.61
C ALA B 65 4.33 -12.04 -21.26
N SER B 66 5.22 -11.22 -21.82
CA SER B 66 5.18 -9.78 -21.60
C SER B 66 3.85 -9.13 -21.93
N ILE B 67 3.10 -9.72 -22.85
CA ILE B 67 1.84 -9.14 -23.26
C ILE B 67 0.81 -9.15 -22.12
N LEU B 68 0.99 -10.03 -21.13
CA LEU B 68 0.02 -10.13 -20.03
C LEU B 68 0.21 -9.02 -19.03
N ILE B 69 1.43 -8.51 -18.89
CA ILE B 69 1.74 -7.48 -17.89
C ILE B 69 2.30 -6.17 -18.46
N GLY B 70 2.43 -6.05 -19.77
CA GLY B 70 2.95 -4.83 -20.40
C GLY B 70 4.39 -4.48 -20.05
N SER B 71 5.23 -5.51 -20.02
CA SER B 71 6.66 -5.36 -19.78
C SER B 71 7.39 -5.45 -21.09
N ASP B 72 8.72 -5.38 -21.04
CA ASP B 72 9.53 -5.75 -22.22
C ASP B 72 9.54 -7.24 -22.42
N PHE B 73 9.98 -7.62 -23.62
CA PHE B 73 10.00 -8.99 -24.07
C PHE B 73 10.69 -9.88 -23.04
N LEU B 74 10.02 -10.95 -22.62
CA LEU B 74 10.51 -11.80 -21.52
C LEU B 74 11.16 -13.08 -21.99
N GLY B 75 11.04 -13.41 -23.26
CA GLY B 75 11.59 -14.67 -23.77
C GLY B 75 10.85 -15.92 -23.30
N VAL B 76 9.57 -15.81 -22.99
CA VAL B 76 8.78 -16.97 -22.54
C VAL B 76 7.48 -16.98 -23.31
N ARG B 77 7.30 -17.99 -24.14
CA ARG B 77 6.16 -18.04 -25.03
C ARG B 77 5.02 -18.79 -24.38
N ILE B 78 3.88 -18.12 -24.31
CA ILE B 78 2.69 -18.64 -23.65
C ILE B 78 2.17 -19.84 -24.44
N THR B 79 1.76 -20.87 -23.71
CA THR B 79 1.29 -22.10 -24.30
C THR B 79 -0.02 -22.50 -23.65
N ASP B 80 -0.80 -23.30 -24.34
CA ASP B 80 -1.91 -23.98 -23.74
C ASP B 80 -1.68 -25.50 -23.61
N ASP B 81 -0.45 -25.94 -23.80
CA ASP B 81 -0.09 -27.35 -23.67
C ASP B 81 0.64 -27.64 -22.33
N PRO B 82 0.00 -28.38 -21.42
CA PRO B 82 0.70 -28.71 -20.16
C PRO B 82 1.96 -29.49 -20.34
N GLU B 83 2.03 -30.30 -21.38
CA GLU B 83 3.26 -31.04 -21.68
C GLU B 83 4.42 -30.08 -21.88
N SER B 84 4.18 -28.96 -22.54
CA SER B 84 5.25 -28.01 -22.76
C SER B 84 5.49 -27.17 -21.47
N ALA B 85 4.43 -26.72 -20.84
CA ALA B 85 4.52 -25.86 -19.66
C ALA B 85 5.28 -26.51 -18.50
N PHE B 86 5.14 -27.82 -18.36
CA PHE B 86 5.82 -28.51 -17.26
C PHE B 86 7.09 -29.26 -17.70
N SER B 87 7.56 -29.07 -18.92
CA SER B 87 8.66 -29.91 -19.43
C SER B 87 9.97 -29.61 -18.78
N ASN B 88 10.20 -28.39 -18.35
CA ASN B 88 11.48 -28.12 -17.72
C ASN B 88 11.40 -27.01 -16.67
N THR B 89 10.71 -27.33 -15.58
CA THR B 89 10.39 -26.39 -14.51
C THR B 89 10.64 -27.05 -13.17
N GLU B 90 10.61 -26.30 -12.08
CA GLU B 90 10.76 -26.84 -10.73
C GLU B 90 9.50 -26.71 -9.88
N GLY B 91 8.60 -25.78 -10.25
CA GLY B 91 7.33 -25.65 -9.52
C GLY B 91 6.19 -25.04 -10.32
N ILE B 92 4.99 -25.35 -9.86
CA ILE B 92 3.78 -24.93 -10.47
C ILE B 92 3.07 -23.96 -9.51
N LEU B 93 2.77 -22.75 -9.98
CA LEU B 93 1.98 -21.78 -9.22
C LEU B 93 0.59 -21.69 -9.81
N ASP B 94 -0.41 -22.01 -9.01
CA ASP B 94 -1.69 -22.40 -9.56
C ASP B 94 -2.86 -21.77 -8.77
N PHE B 95 -3.52 -20.78 -9.39
CA PHE B 95 -4.78 -20.22 -8.87
C PHE B 95 -5.92 -20.36 -9.88
N SER B 96 -6.05 -21.53 -10.51
CA SER B 96 -6.95 -21.71 -11.64
C SER B 96 -8.28 -22.37 -11.19
N GLN B 97 -8.58 -23.58 -11.69
CA GLN B 97 -9.85 -24.28 -11.44
C GLN B 97 -9.59 -25.69 -10.91
N PRO B 98 -10.49 -26.19 -10.04
CA PRO B 98 -10.28 -27.49 -9.39
C PRO B 98 -9.86 -28.59 -10.35
N GLN B 99 -10.53 -28.72 -11.48
CA GLN B 99 -10.27 -29.91 -12.27
C GLN B 99 -8.92 -29.81 -12.98
N ALA B 100 -8.53 -28.59 -13.33
CA ALA B 100 -7.21 -28.33 -13.87
C ALA B 100 -6.11 -28.59 -12.80
N SER B 101 -6.39 -28.18 -11.56
CA SER B 101 -5.43 -28.32 -10.47
C SER B 101 -5.17 -29.79 -10.13
N VAL B 102 -6.17 -30.66 -10.22
CA VAL B 102 -5.95 -32.08 -9.98
C VAL B 102 -5.02 -32.65 -11.06
N LEU B 103 -5.28 -32.26 -12.32
CA LEU B 103 -4.44 -32.65 -13.42
C LEU B 103 -3.01 -32.19 -13.19
N TYR B 104 -2.83 -30.94 -12.82
CA TYR B 104 -1.48 -30.39 -12.63
C TYR B 104 -0.78 -31.03 -11.42
N ALA B 105 -1.55 -31.45 -10.45
CA ALA B 105 -0.97 -32.12 -9.30
C ALA B 105 -0.43 -33.50 -9.72
N ASN B 106 -1.13 -34.13 -10.65
CA ASN B 106 -0.62 -35.37 -11.26
C ASN B 106 0.66 -35.11 -12.03
N TYR B 107 0.72 -34.03 -12.80
CA TYR B 107 1.99 -33.72 -13.42
C TYR B 107 3.09 -33.50 -12.36
N ALA B 108 2.74 -32.85 -11.27
CA ALA B 108 3.73 -32.56 -10.23
C ALA B 108 4.20 -33.86 -9.57
N ALA B 109 3.29 -34.79 -9.33
CA ALA B 109 3.70 -36.12 -8.84
C ALA B 109 4.59 -36.84 -9.88
N GLN B 110 4.17 -36.92 -11.14
CA GLN B 110 4.97 -37.64 -12.16
C GLN B 110 6.34 -37.04 -12.36
N LYS B 111 6.45 -35.71 -12.34
CA LYS B 111 7.70 -35.04 -12.67
C LYS B 111 8.49 -34.50 -11.47
N SER B 112 8.05 -34.77 -10.25
CA SER B 112 8.72 -34.26 -9.04
C SER B 112 8.82 -32.73 -9.01
N LEU B 113 7.68 -32.07 -9.19
CA LEU B 113 7.63 -30.62 -9.20
C LEU B 113 6.88 -30.21 -7.96
N ILE B 114 7.24 -29.10 -7.34
CA ILE B 114 6.40 -28.61 -6.26
C ILE B 114 5.17 -27.95 -6.88
N HIS B 115 4.07 -27.96 -6.12
CA HIS B 115 2.82 -27.45 -6.57
C HIS B 115 2.22 -26.53 -5.47
N ILE B 116 2.08 -25.24 -5.76
CA ILE B 116 1.44 -24.26 -4.88
C ILE B 116 0.00 -24.08 -5.36
N ILE B 117 -0.96 -24.55 -4.58
CA ILE B 117 -2.34 -24.58 -5.01
C ILE B 117 -3.15 -23.52 -4.26
N GLY B 118 -3.52 -22.43 -4.94
CA GLY B 118 -4.43 -21.42 -4.38
C GLY B 118 -5.84 -21.54 -4.87
N THR B 119 -6.08 -22.56 -5.69
CA THR B 119 -7.40 -22.86 -6.25
C THR B 119 -8.37 -23.19 -5.13
N THR B 120 -9.66 -22.87 -5.29
CA THR B 120 -10.67 -23.26 -4.31
C THR B 120 -11.80 -23.96 -5.01
N GLY B 121 -12.62 -24.66 -4.24
CA GLY B 121 -13.84 -25.30 -4.80
C GLY B 121 -13.71 -26.79 -5.06
N PHE B 122 -12.74 -27.42 -4.43
CA PHE B 122 -12.48 -28.81 -4.71
C PHE B 122 -13.59 -29.71 -4.12
N SER B 123 -13.96 -30.76 -4.85
CA SER B 123 -14.83 -31.81 -4.33
C SER B 123 -14.04 -32.69 -3.34
N LYS B 124 -14.74 -33.56 -2.62
CA LYS B 124 -14.11 -34.51 -1.70
C LYS B 124 -13.19 -35.48 -2.49
N THR B 125 -13.67 -36.00 -3.60
CA THR B 125 -12.84 -36.85 -4.47
C THR B 125 -11.55 -36.15 -4.93
N GLU B 126 -11.68 -34.90 -5.39
CA GLU B 126 -10.52 -34.13 -5.84
C GLU B 126 -9.53 -33.94 -4.71
N GLU B 127 -10.04 -33.70 -3.49
CA GLU B 127 -9.16 -33.56 -2.35
C GLU B 127 -8.47 -34.88 -2.02
N ALA B 128 -9.16 -36.00 -2.17
CA ALA B 128 -8.51 -37.31 -1.97
C ALA B 128 -7.40 -37.53 -3.01
N GLN B 129 -7.61 -37.14 -4.27
CA GLN B 129 -6.56 -37.34 -5.27
C GLN B 129 -5.36 -36.49 -4.95
N ILE B 130 -5.58 -35.25 -4.51
CA ILE B 130 -4.46 -34.38 -4.20
C ILE B 130 -3.65 -34.97 -3.05
N ALA B 131 -4.36 -35.50 -2.05
CA ALA B 131 -3.70 -36.26 -0.95
C ALA B 131 -2.83 -37.41 -1.51
N ASP B 132 -3.34 -38.16 -2.52
CA ASP B 132 -2.49 -39.20 -3.19
C ASP B 132 -1.23 -38.60 -3.79
N PHE B 133 -1.38 -37.49 -4.52
CA PHE B 133 -0.24 -36.95 -5.22
C PHE B 133 0.79 -36.42 -4.24
N ALA B 134 0.35 -35.99 -3.05
CA ALA B 134 1.28 -35.53 -2.01
C ALA B 134 2.16 -36.66 -1.48
N LYS B 135 1.88 -37.93 -1.80
CA LYS B 135 2.86 -39.00 -1.40
C LYS B 135 4.12 -38.92 -2.24
N TYR B 136 4.05 -38.29 -3.40
CA TYR B 136 5.19 -38.32 -4.34
C TYR B 136 5.91 -37.02 -4.55
N THR B 137 5.33 -35.92 -4.04
CA THR B 137 5.94 -34.58 -4.21
C THR B 137 5.48 -33.67 -3.07
N THR B 138 5.93 -32.41 -3.06
CA THR B 138 5.57 -31.44 -2.01
C THR B 138 4.52 -30.45 -2.54
N ILE B 139 3.34 -30.46 -1.93
CA ILE B 139 2.24 -29.62 -2.33
C ILE B 139 1.90 -28.69 -1.16
N VAL B 140 1.72 -27.40 -1.43
CA VAL B 140 1.24 -26.44 -0.42
C VAL B 140 -0.06 -25.95 -0.93
N LYS B 141 -1.12 -26.22 -0.17
CA LYS B 141 -2.48 -25.90 -0.56
C LYS B 141 -3.17 -25.02 0.49
N SER B 142 -3.56 -23.81 0.10
CA SER B 142 -4.29 -22.86 0.96
C SER B 142 -5.13 -21.98 0.09
N GLY B 143 -6.37 -21.83 0.51
CA GLY B 143 -7.33 -20.94 -0.12
C GLY B 143 -6.96 -19.47 -0.11
N ASN B 144 -6.13 -19.07 0.83
CA ASN B 144 -5.63 -17.68 0.91
C ASN B 144 -4.15 -17.81 1.08
N MET B 145 -3.38 -17.14 0.24
CA MET B 145 -1.94 -17.30 0.25
C MET B 145 -1.16 -16.14 0.91
N SER B 146 -1.84 -15.18 1.52
CA SER B 146 -1.13 -14.07 2.21
C SER B 146 -0.43 -14.59 3.46
N LEU B 147 0.84 -14.27 3.63
CA LEU B 147 1.55 -14.64 4.84
C LEU B 147 0.82 -14.07 6.11
N GLY B 148 0.45 -12.80 6.04
CA GLY B 148 -0.18 -12.09 7.16
C GLY B 148 -1.56 -12.60 7.50
N VAL B 149 -2.36 -12.93 6.50
CA VAL B 149 -3.69 -13.48 6.77
C VAL B 149 -3.61 -14.82 7.45
N ASN B 150 -2.74 -15.71 6.95
CA ASN B 150 -2.62 -17.02 7.60
C ASN B 150 -2.02 -16.92 9.05
N LEU B 151 -1.01 -16.09 9.26
CA LEU B 151 -0.53 -15.81 10.60
C LEU B 151 -1.68 -15.37 11.50
N LEU B 152 -2.45 -14.39 11.04
CA LEU B 152 -3.53 -13.80 11.84
C LEU B 152 -4.53 -14.88 12.22
N ALA B 153 -4.92 -15.71 11.26
CA ALA B 153 -5.82 -16.82 11.53
C ALA B 153 -5.30 -17.72 12.68
N ASN B 154 -4.04 -18.07 12.61
CA ASN B 154 -3.45 -18.88 13.63
C ASN B 154 -3.47 -18.18 15.00
N LEU B 155 -3.19 -16.87 15.04
CA LEU B 155 -3.17 -16.15 16.29
C LEU B 155 -4.57 -16.02 16.87
N VAL B 156 -5.55 -15.80 16.00
CA VAL B 156 -6.94 -15.78 16.37
C VAL B 156 -7.41 -17.10 17.04
N LYS B 157 -7.01 -18.23 16.47
CA LYS B 157 -7.41 -19.56 16.97
C LYS B 157 -6.75 -19.79 18.34
N ARG B 158 -5.49 -19.42 18.45
CA ARG B 158 -4.78 -19.49 19.72
C ARG B 158 -5.45 -18.63 20.80
N ALA B 159 -5.82 -17.40 20.46
CA ALA B 159 -6.48 -16.49 21.38
C ALA B 159 -7.84 -17.02 21.76
N ALA B 160 -8.56 -17.61 20.79
CA ALA B 160 -9.91 -18.10 21.05
C ALA B 160 -9.86 -19.31 22.00
N LYS B 161 -8.78 -20.08 21.94
CA LYS B 161 -8.61 -21.23 22.85
C LYS B 161 -8.16 -20.76 24.25
N ALA B 162 -7.28 -19.77 24.29
CA ALA B 162 -6.69 -19.30 25.53
C ALA B 162 -7.72 -18.53 26.36
N LEU B 163 -8.48 -17.65 25.74
CA LEU B 163 -9.54 -16.89 26.42
C LEU B 163 -10.89 -17.62 26.50
N ASP B 164 -11.43 -17.74 27.71
CA ASP B 164 -12.79 -18.31 27.91
C ASP B 164 -13.82 -17.45 27.18
N ASP B 165 -15.03 -17.97 27.06
CA ASP B 165 -16.05 -17.21 26.37
C ASP B 165 -16.66 -16.07 27.20
N ASP B 166 -16.08 -15.70 28.34
CA ASP B 166 -16.37 -14.38 28.86
C ASP B 166 -15.61 -13.27 28.13
N PHE B 167 -14.79 -13.64 27.15
CA PHE B 167 -14.29 -12.71 26.13
C PHE B 167 -15.16 -12.90 24.89
N ASP B 168 -15.90 -11.85 24.51
CA ASP B 168 -16.71 -11.87 23.33
C ASP B 168 -15.84 -11.65 22.05
N ILE B 169 -16.08 -12.45 21.01
CA ILE B 169 -15.37 -12.34 19.75
C ILE B 169 -16.23 -11.56 18.73
N GLU B 170 -15.72 -10.43 18.28
CA GLU B 170 -16.37 -9.62 17.25
C GLU B 170 -15.36 -9.38 16.12
N ILE B 171 -15.84 -9.54 14.88
CA ILE B 171 -15.02 -9.49 13.71
C ILE B 171 -15.50 -8.35 12.85
N TYR B 172 -14.59 -7.46 12.48
CA TYR B 172 -14.87 -6.32 11.64
C TYR B 172 -14.02 -6.35 10.42
N GLU B 173 -14.59 -5.92 9.29
CA GLU B 173 -13.80 -5.74 8.07
C GLU B 173 -14.30 -4.55 7.28
N MET B 174 -13.37 -3.93 6.54
CA MET B 174 -13.75 -2.88 5.62
C MET B 174 -13.15 -3.14 4.25
N HIS B 175 -13.96 -2.94 3.21
CA HIS B 175 -13.49 -3.06 1.82
C HIS B 175 -14.08 -1.96 0.96
N HIS B 176 -13.49 -1.80 -0.22
CA HIS B 176 -13.93 -0.85 -1.23
C HIS B 176 -15.43 -0.98 -1.58
N ALA B 177 -15.98 0.09 -2.15
CA ALA B 177 -17.42 0.20 -2.40
C ALA B 177 -17.98 -0.91 -3.24
N ASN B 178 -17.22 -1.42 -4.18
CA ASN B 178 -17.75 -2.37 -5.16
C ASN B 178 -17.65 -3.83 -4.70
N LYS B 179 -17.11 -4.10 -3.51
CA LYS B 179 -16.95 -5.50 -3.11
C LYS B 179 -18.30 -6.27 -3.05
N VAL B 180 -18.29 -7.48 -3.60
CA VAL B 180 -19.50 -8.29 -3.76
C VAL B 180 -19.79 -9.11 -2.50
N ASP B 181 -18.82 -9.95 -2.10
CA ASP B 181 -18.98 -10.83 -0.95
C ASP B 181 -19.09 -10.03 0.35
N SER B 182 -19.98 -10.46 1.21
CA SER B 182 -20.14 -9.84 2.49
C SER B 182 -20.79 -10.80 3.47
N PRO B 183 -20.09 -11.13 4.60
CA PRO B 183 -18.70 -10.76 4.93
C PRO B 183 -17.70 -11.29 3.93
N SER B 184 -16.55 -10.64 3.83
CA SER B 184 -15.47 -11.13 2.99
C SER B 184 -15.11 -12.58 3.30
N GLY B 185 -14.56 -13.25 2.29
CA GLY B 185 -13.96 -14.56 2.51
C GLY B 185 -12.92 -14.61 3.61
N THR B 186 -12.08 -13.58 3.71
CA THR B 186 -11.09 -13.53 4.79
C THR B 186 -11.78 -13.42 6.16
N ALA B 187 -12.81 -12.59 6.29
CA ALA B 187 -13.58 -12.54 7.53
C ALA B 187 -14.08 -13.93 7.93
N LEU B 188 -14.61 -14.68 6.97
CA LEU B 188 -15.14 -16.02 7.22
C LEU B 188 -14.05 -16.98 7.66
N LEU B 189 -12.91 -16.94 6.98
CA LEU B 189 -11.72 -17.70 7.38
C LEU B 189 -11.30 -17.41 8.84
N LEU B 190 -11.33 -16.12 9.21
CA LEU B 190 -10.95 -15.71 10.54
C LEU B 190 -12.00 -16.20 11.53
N GLY B 191 -13.26 -16.10 11.12
CA GLY B 191 -14.37 -16.59 11.96
C GLY B 191 -14.24 -18.10 12.25
N GLN B 192 -13.84 -18.86 11.21
CA GLN B 192 -13.69 -20.28 11.35
C GLN B 192 -12.48 -20.59 12.26
N ALA B 193 -11.43 -19.79 12.20
CA ALA B 193 -10.34 -19.94 13.14
C ALA B 193 -10.85 -19.75 14.58
N ALA B 194 -11.66 -18.74 14.81
CA ALA B 194 -12.16 -18.49 16.16
C ALA B 194 -13.02 -19.66 16.61
N ALA B 195 -13.90 -20.13 15.73
CA ALA B 195 -14.83 -21.22 16.09
C ALA B 195 -14.03 -22.48 16.47
N GLU B 196 -13.02 -22.80 15.68
CA GLU B 196 -12.14 -23.93 15.97
C GLU B 196 -11.48 -23.77 17.33
N GLY B 197 -10.98 -22.58 17.64
CA GLY B 197 -10.34 -22.34 18.93
C GLY B 197 -11.33 -22.55 20.06
N ARG B 198 -12.58 -22.15 19.87
CA ARG B 198 -13.57 -22.28 20.89
C ARG B 198 -14.25 -23.66 20.88
N ASN B 199 -13.83 -24.57 19.99
CA ASN B 199 -14.54 -25.84 19.80
C ASN B 199 -16.03 -25.75 19.56
N ILE B 200 -16.40 -24.87 18.63
CA ILE B 200 -17.80 -24.71 18.25
C ILE B 200 -17.89 -24.60 16.73
N MET B 201 -19.12 -24.55 16.22
CA MET B 201 -19.36 -24.52 14.77
C MET B 201 -19.76 -23.11 14.37
N LEU B 202 -19.00 -22.52 13.45
CA LEU B 202 -19.27 -21.15 13.05
C LEU B 202 -20.70 -20.98 12.70
N LYS B 203 -21.22 -21.93 11.92
CA LYS B 203 -22.59 -21.81 11.43
C LYS B 203 -23.65 -21.72 12.54
N ASN B 204 -23.39 -22.29 13.72
CA ASN B 204 -24.35 -22.18 14.82
C ASN B 204 -24.23 -20.92 15.69
N VAL B 205 -23.09 -20.22 15.63
CA VAL B 205 -22.77 -19.12 16.56
C VAL B 205 -22.61 -17.73 15.89
N SER B 206 -22.61 -17.71 14.57
CA SER B 206 -22.36 -16.49 13.83
C SER B 206 -23.55 -15.57 13.84
N VAL B 207 -23.30 -14.27 14.01
CA VAL B 207 -24.36 -13.26 13.86
C VAL B 207 -23.87 -12.14 12.94
N ASN B 208 -24.56 -11.98 11.82
CA ASN B 208 -24.25 -10.95 10.83
C ASN B 208 -25.04 -9.70 11.09
N GLY B 209 -24.35 -8.56 11.12
CA GLY B 209 -25.00 -7.28 11.29
C GLY B 209 -25.87 -7.11 12.53
N ARG B 210 -25.25 -7.03 13.70
CA ARG B 210 -25.93 -6.67 14.94
C ARG B 210 -26.65 -5.31 14.84
N SER B 211 -26.21 -4.51 13.87
CA SER B 211 -26.89 -3.27 13.52
C SER B 211 -28.40 -3.45 13.32
N GLY B 212 -28.76 -4.48 12.56
CA GLY B 212 -30.17 -4.82 12.24
C GLY B 212 -30.92 -5.69 13.27
N HIS B 213 -30.49 -5.64 14.55
CA HIS B 213 -31.07 -6.43 15.63
C HIS B 213 -31.35 -5.52 16.85
N THR B 214 -32.10 -6.09 17.83
CA THR B 214 -32.37 -5.49 19.17
C THR B 214 -32.20 -6.60 20.22
N GLY B 215 -31.88 -6.20 21.46
CA GLY B 215 -31.62 -7.15 22.55
C GLY B 215 -30.15 -7.31 22.92
N LYS B 216 -29.92 -7.79 24.14
CA LYS B 216 -28.63 -8.23 24.61
C LYS B 216 -27.95 -9.22 23.63
N ARG B 217 -26.61 -9.14 23.57
CA ARG B 217 -25.77 -10.11 22.88
C ARG B 217 -25.90 -11.50 23.49
N GLU B 218 -25.97 -12.53 22.66
CA GLU B 218 -26.01 -13.91 23.15
C GLU B 218 -24.61 -14.48 23.35
N LYS B 219 -24.39 -15.04 24.54
CA LYS B 219 -23.09 -15.58 24.91
C LYS B 219 -22.54 -16.63 23.93
N GLY B 220 -21.23 -16.54 23.66
CA GLY B 220 -20.57 -17.45 22.76
C GLY B 220 -20.73 -17.18 21.28
N THR B 221 -21.67 -16.31 20.89
CA THR B 221 -21.72 -15.92 19.50
C THR B 221 -20.45 -15.16 19.04
N ILE B 222 -20.25 -15.20 17.70
CA ILE B 222 -19.21 -14.47 16.96
C ILE B 222 -19.92 -13.50 16.02
N GLY B 223 -19.75 -12.21 16.23
CA GLY B 223 -20.41 -11.17 15.41
C GLY B 223 -19.52 -10.78 14.23
N PHE B 224 -20.16 -10.32 13.15
CA PHE B 224 -19.50 -9.88 11.94
C PHE B 224 -20.09 -8.53 11.62
N ALA B 225 -19.25 -7.53 11.52
CA ALA B 225 -19.66 -6.22 11.08
C ALA B 225 -18.84 -5.89 9.82
N CYS B 226 -19.50 -5.34 8.81
CA CYS B 226 -18.83 -5.10 7.53
C CYS B 226 -19.11 -3.69 7.10
N SER B 227 -18.06 -3.03 6.65
CA SER B 227 -18.14 -1.71 6.16
C SER B 227 -17.73 -1.71 4.67
N ARG B 228 -18.42 -0.89 3.88
CA ARG B 228 -18.12 -0.78 2.46
C ARG B 228 -17.99 0.66 2.12
N GLY B 229 -16.86 1.04 1.51
CA GLY B 229 -16.66 2.44 1.11
C GLY B 229 -15.35 2.67 0.36
N GLY B 230 -15.37 3.59 -0.61
CA GLY B 230 -14.14 4.09 -1.23
C GLY B 230 -13.40 2.99 -1.93
N THR B 231 -12.07 2.97 -1.78
CA THR B 231 -11.20 2.08 -2.51
C THR B 231 -10.38 1.12 -1.65
N VAL B 232 -10.77 0.98 -0.40
CA VAL B 232 -10.04 0.21 0.61
C VAL B 232 -9.77 -1.22 0.12
N ILE B 233 -8.52 -1.65 0.11
CA ILE B 233 -8.13 -2.96 -0.37
C ILE B 233 -8.60 -4.09 0.55
N GLY B 234 -8.45 -3.91 1.87
CA GLY B 234 -9.06 -4.84 2.85
C GLY B 234 -8.47 -4.75 4.23
N ASP B 235 -9.27 -4.29 5.20
CA ASP B 235 -8.93 -4.28 6.64
C ASP B 235 -9.74 -5.35 7.37
N HIS B 236 -9.10 -6.14 8.23
CA HIS B 236 -9.78 -7.07 9.06
C HIS B 236 -9.27 -6.94 10.47
N SER B 237 -10.18 -6.95 11.43
CA SER B 237 -9.87 -6.84 12.87
C SER B 237 -10.76 -7.77 13.69
N ILE B 238 -10.14 -8.56 14.56
CA ILE B 238 -10.83 -9.40 15.48
C ILE B 238 -10.62 -8.85 16.88
N THR B 239 -11.71 -8.50 17.55
CA THR B 239 -11.71 -8.06 18.93
C THR B 239 -12.17 -9.21 19.87
N PHE B 240 -11.41 -9.42 20.94
CA PHE B 240 -11.78 -10.29 22.03
C PHE B 240 -12.03 -9.36 23.17
N ALA B 241 -13.29 -9.20 23.57
CA ALA B 241 -13.66 -8.15 24.49
C ALA B 241 -14.14 -8.81 25.76
N GLY B 242 -13.36 -8.70 26.81
CA GLY B 242 -13.65 -9.34 28.09
C GLY B 242 -13.91 -8.30 29.18
N GLU B 243 -13.85 -8.76 30.40
CA GLU B 243 -14.10 -7.89 31.52
C GLU B 243 -12.98 -6.84 31.68
N ASN B 244 -13.27 -5.63 31.23
CA ASN B 244 -12.40 -4.48 31.37
C ASN B 244 -11.07 -4.55 30.61
N GLU B 245 -11.00 -5.40 29.59
CA GLU B 245 -9.91 -5.41 28.64
C GLU B 245 -10.32 -6.02 27.29
N ARG B 246 -9.61 -5.63 26.25
CA ARG B 246 -9.80 -6.11 24.90
C ARG B 246 -8.47 -6.42 24.30
N ILE B 247 -8.43 -7.47 23.50
CA ILE B 247 -7.34 -7.82 22.63
C ILE B 247 -7.86 -7.64 21.22
N VAL B 248 -7.10 -6.98 20.37
CA VAL B 248 -7.53 -6.68 19.00
C VAL B 248 -6.44 -7.15 18.05
N LEU B 249 -6.79 -8.05 17.12
CA LEU B 249 -5.82 -8.63 16.18
C LEU B 249 -6.26 -8.24 14.76
N SER B 250 -5.39 -7.59 13.98
CA SER B 250 -5.75 -7.02 12.69
C SER B 250 -4.77 -7.35 11.59
N HIS B 251 -5.31 -7.39 10.36
CA HIS B 251 -4.55 -7.44 9.12
C HIS B 251 -4.99 -6.26 8.25
N ILE B 252 -4.01 -5.53 7.72
CA ILE B 252 -4.26 -4.45 6.80
C ILE B 252 -3.54 -4.74 5.49
N ALA B 253 -4.31 -4.97 4.42
CA ALA B 253 -3.74 -5.17 3.09
C ALA B 253 -3.52 -3.81 2.39
N GLN B 254 -2.32 -3.61 1.86
CA GLN B 254 -1.95 -2.43 1.08
C GLN B 254 -2.14 -2.65 -0.44
N GLU B 255 -1.71 -3.81 -0.94
CA GLU B 255 -1.74 -4.19 -2.36
CA GLU B 255 -1.89 -4.14 -2.34
C GLU B 255 -2.12 -5.64 -2.49
N ARG B 256 -2.72 -5.99 -3.62
CA ARG B 256 -3.11 -7.36 -3.91
C ARG B 256 -1.90 -8.27 -4.22
N SER B 257 -0.72 -7.71 -4.39
CA SER B 257 0.46 -8.46 -4.64
C SER B 257 0.87 -9.38 -3.46
N ILE B 258 0.26 -9.17 -2.28
CA ILE B 258 0.63 -9.96 -1.11
C ILE B 258 0.38 -11.47 -1.32
N PHE B 259 -0.62 -11.82 -2.14
CA PHE B 259 -0.96 -13.20 -2.39
C PHE B 259 0.11 -13.86 -3.28
N ALA B 260 0.60 -13.14 -4.26
CA ALA B 260 1.75 -13.61 -5.02
C ALA B 260 3.02 -13.73 -4.13
N ASN B 261 3.23 -12.82 -3.18
CA ASN B 261 4.41 -12.90 -2.35
C ASN B 261 4.39 -14.16 -1.50
N GLY B 262 3.26 -14.45 -0.92
CA GLY B 262 3.11 -15.65 -0.16
C GLY B 262 3.27 -16.91 -1.00
N ALA B 263 2.65 -16.94 -2.17
CA ALA B 263 2.77 -18.08 -3.07
C ALA B 263 4.24 -18.34 -3.37
N LEU B 264 5.03 -17.28 -3.59
CA LEU B 264 6.45 -17.44 -3.85
C LEU B 264 7.24 -17.93 -2.63
N LYS B 265 6.93 -17.39 -1.45
CA LYS B 265 7.51 -17.94 -0.23
C LYS B 265 7.25 -19.42 -0.17
N ALA B 266 6.00 -19.80 -0.38
CA ALA B 266 5.63 -21.22 -0.30
C ALA B 266 6.45 -22.06 -1.30
N ALA B 267 6.64 -21.53 -2.52
CA ALA B 267 7.42 -22.24 -3.55
C ALA B 267 8.85 -22.42 -3.08
N LEU B 268 9.47 -21.36 -2.58
CA LEU B 268 10.86 -21.44 -2.10
C LEU B 268 11.05 -22.39 -0.90
N TRP B 269 10.07 -22.42 -0.01
CA TRP B 269 10.04 -23.30 1.13
C TRP B 269 9.83 -24.77 0.70
N ALA B 270 8.95 -24.95 -0.30
CA ALA B 270 8.62 -26.28 -0.80
C ALA B 270 9.81 -26.95 -1.54
N LYS B 271 10.66 -26.15 -2.16
CA LYS B 271 11.67 -26.65 -3.11
C LYS B 271 12.46 -27.88 -2.69
N ASN B 272 13.11 -27.82 -1.53
CA ASN B 272 13.86 -28.99 -1.04
C ASN B 272 13.23 -29.58 0.19
N HIS B 273 11.94 -29.36 0.42
CA HIS B 273 11.27 -29.91 1.60
C HIS B 273 10.86 -31.34 1.27
N GLU B 274 10.59 -32.15 2.28
CA GLU B 274 10.19 -33.52 2.00
C GLU B 274 8.78 -33.58 1.42
N ASN B 275 8.41 -34.71 0.84
CA ASN B 275 7.10 -34.84 0.22
C ASN B 275 6.01 -34.59 1.27
N GLY B 276 4.79 -34.30 0.81
CA GLY B 276 3.61 -34.18 1.65
C GLY B 276 2.67 -33.05 1.19
N LEU B 277 1.51 -32.98 1.88
CA LEU B 277 0.49 -31.98 1.69
C LEU B 277 0.56 -30.97 2.87
N TYR B 278 0.94 -29.74 2.55
CA TYR B 278 1.24 -28.71 3.53
C TYR B 278 0.30 -27.51 3.34
N SER B 279 0.26 -26.61 4.33
CA SER B 279 -0.47 -25.33 4.29
C SER B 279 0.49 -24.18 4.47
N MET B 280 0.00 -22.94 4.40
CA MET B 280 0.82 -21.79 4.73
C MET B 280 1.23 -21.78 6.23
N LEU B 281 0.47 -22.45 7.09
CA LEU B 281 0.97 -22.59 8.47
C LEU B 281 2.32 -23.29 8.49
N ASP B 282 2.47 -24.35 7.68
CA ASP B 282 3.77 -25.02 7.56
C ASP B 282 4.83 -24.09 7.00
N VAL B 283 4.51 -23.33 5.96
CA VAL B 283 5.51 -22.38 5.38
C VAL B 283 5.95 -21.36 6.44
N LEU B 284 5.03 -20.98 7.32
CA LEU B 284 5.31 -20.01 8.38
C LEU B 284 5.99 -20.62 9.63
N GLY B 285 6.02 -21.95 9.78
CA GLY B 285 6.71 -22.59 10.90
C GLY B 285 5.81 -22.76 12.12
N LEU B 286 4.50 -22.79 11.91
CA LEU B 286 3.51 -22.73 12.99
C LEU B 286 2.78 -24.05 13.34
N ASN B 287 3.47 -25.20 13.39
CA ASN B 287 2.83 -26.48 13.83
C ASN B 287 3.46 -27.19 15.05
#